data_5A8D
#
_entry.id   5A8D
#
_cell.length_a   139.990
_cell.length_b   139.990
_cell.length_c   139.990
_cell.angle_alpha   90.00
_cell.angle_beta   90.00
_cell.angle_gamma   90.00
#
_symmetry.space_group_name_H-M   'P 4 3 2'
#
loop_
_entity.id
_entity.type
_entity.pdbx_description
1 polymer 'CARBOHYDRATE BINDING FAMILY 6'
2 non-polymer 'SULFATE ION'
3 non-polymer 'ACETATE ION'
4 non-polymer GLYCEROL
5 water water
#
_entity_poly.entity_id   1
_entity_poly.type   'polypeptide(L)'
_entity_poly.pdbx_seq_one_letter_code
;MGSSHHHHHHSSGPQQGLVRGHMASAADYPIFSQRFTADPAAVVYNGRLYIYCSHDSDATPGQSTYNIPDITCISTDDLK
NWTDHGEVFNAKRDSRWASVSWAPSIVYRNNKFYLYYGNGGNGIGVAVSDSPTGPFKDPLPGPLVSWNTPGVQPAQNMWL
FDPGVFVDDDGQAYMYFGGNGQNNIRVIKLGNDMISTVGSAMTMSAPRFFEAAYMHKYNGKYYFSYASDFSQGASKIEYM
MSDKPTTGFQYKGVILPQPPDNYSNNNHHAIVEYKGNWYVVYHNRTVAKQRGLDPVYQRNVCIDQMFYNADGTIKQVVPT
VDGLKQ
;
_entity_poly.pdbx_strand_id   A
#
loop_
_chem_comp.id
_chem_comp.type
_chem_comp.name
_chem_comp.formula
ACT non-polymer 'ACETATE ION' 'C2 H3 O2 -1'
GOL non-polymer GLYCEROL 'C3 H8 O3'
SO4 non-polymer 'SULFATE ION' 'O4 S -2'
#
# COMPACT_ATOMS: atom_id res chain seq x y z
N SER A 25 -14.88 -4.92 -12.26
CA SER A 25 -15.76 -3.72 -12.11
C SER A 25 -16.06 -3.52 -10.62
N ALA A 26 -16.74 -4.40 -9.86
CA ALA A 26 -17.65 -5.55 -10.21
C ALA A 26 -17.22 -6.86 -10.92
N ALA A 27 -17.31 -6.91 -12.24
CA ALA A 27 -17.08 -8.12 -13.05
C ALA A 27 -15.72 -8.80 -12.78
N ASP A 28 -14.71 -8.03 -12.39
CA ASP A 28 -13.36 -8.53 -12.24
C ASP A 28 -12.98 -8.82 -10.79
N TYR A 29 -13.95 -8.74 -9.90
CA TYR A 29 -13.77 -9.13 -8.49
C TYR A 29 -13.08 -10.50 -8.32
N PRO A 30 -13.42 -11.50 -9.15
CA PRO A 30 -12.68 -12.78 -9.01
C PRO A 30 -11.17 -12.69 -9.11
N ILE A 31 -10.63 -11.65 -9.75
CA ILE A 31 -9.18 -11.53 -9.84
C ILE A 31 -8.61 -10.41 -9.00
N PHE A 32 -9.39 -9.35 -8.75
CA PHE A 32 -8.83 -8.27 -7.92
C PHE A 32 -9.10 -8.40 -6.43
N SER A 33 -10.01 -9.30 -6.04
CA SER A 33 -10.38 -9.43 -4.65
C SER A 33 -9.19 -9.65 -3.76
N GLN A 34 -9.11 -8.87 -2.68
CA GLN A 34 -8.11 -9.08 -1.65
C GLN A 34 -8.63 -9.89 -0.43
N ARG A 35 -9.73 -10.60 -0.61
CA ARG A 35 -10.42 -11.23 0.51
C ARG A 35 -9.69 -12.28 1.30
N PHE A 36 -8.80 -12.98 0.62
CA PHE A 36 -8.09 -14.10 1.23
C PHE A 36 -6.59 -13.86 1.38
N THR A 37 -6.19 -12.59 1.45
CA THR A 37 -4.79 -12.25 1.58
C THR A 37 -4.69 -11.08 2.53
N ALA A 38 -3.49 -10.58 2.71
CA ALA A 38 -3.24 -9.49 3.59
C ALA A 38 -2.43 -8.45 2.82
N ASP A 39 -2.93 -7.23 2.78
CA ASP A 39 -2.22 -6.15 2.09
C ASP A 39 -1.49 -5.29 3.15
N PRO A 40 -0.19 -5.06 3.04
CA PRO A 40 0.54 -4.34 4.06
C PRO A 40 0.75 -2.89 3.79
N ALA A 41 1.01 -2.13 4.86
CA ALA A 41 1.38 -0.74 4.78
C ALA A 41 2.32 -0.47 5.95
N ALA A 42 3.09 0.62 5.90
CA ALA A 42 4.04 0.90 6.92
C ALA A 42 4.24 2.38 7.18
N VAL A 43 4.45 2.73 8.44
CA VAL A 43 4.89 4.08 8.82
C VAL A 43 5.85 4.00 9.97
N VAL A 44 6.76 5.00 10.03
CA VAL A 44 7.69 5.13 11.16
C VAL A 44 7.22 6.23 12.07
N TYR A 45 7.22 5.99 13.36
CA TYR A 45 6.77 7.00 14.34
C TYR A 45 7.43 6.76 15.65
N ASN A 46 8.02 7.83 16.21
CA ASN A 46 8.59 7.82 17.52
C ASN A 46 9.54 6.63 17.75
N GLY A 47 10.41 6.39 16.79
CA GLY A 47 11.44 5.35 16.89
C GLY A 47 11.03 3.92 16.53
N ARG A 48 9.78 3.74 16.13
CA ARG A 48 9.24 2.42 15.87
C ARG A 48 8.74 2.33 14.46
N LEU A 49 8.81 1.12 13.89
CA LEU A 49 8.23 0.82 12.60
C LEU A 49 6.92 0.07 12.84
N TYR A 50 5.83 0.67 12.36
CA TYR A 50 4.48 0.10 12.42
C TYR A 50 4.13 -0.51 11.06
N ILE A 51 3.61 -1.74 11.10
CA ILE A 51 3.16 -2.44 9.89
C ILE A 51 1.69 -2.72 10.07
N TYR A 52 0.91 -2.30 9.09
CA TYR A 52 -0.53 -2.48 9.08
C TYR A 52 -0.86 -3.53 8.03
N CYS A 53 -1.85 -4.38 8.30
CA CYS A 53 -2.31 -5.35 7.28
C CYS A 53 -3.82 -5.43 7.24
N SER A 54 -4.40 -5.47 6.03
CA SER A 54 -5.80 -5.80 5.88
C SER A 54 -6.01 -7.30 6.07
N HIS A 55 -7.20 -7.61 6.58
CA HIS A 55 -7.69 -8.98 6.73
C HIS A 55 -9.14 -8.98 6.30
N ASP A 56 -9.57 -10.07 5.66
CA ASP A 56 -10.97 -10.11 5.34
C ASP A 56 -11.55 -11.48 5.75
N SER A 57 -11.16 -12.53 5.05
CA SER A 57 -11.69 -13.88 5.32
C SER A 57 -10.52 -14.86 5.11
N ASP A 58 -10.68 -16.18 4.93
CA ASP A 58 -11.70 -17.10 5.52
C ASP A 58 -10.94 -18.43 5.82
N ALA A 59 -9.69 -18.31 6.26
CA ALA A 59 -8.72 -19.44 6.26
C ALA A 59 -9.12 -20.64 7.11
N THR A 60 -9.53 -21.73 6.44
CA THR A 60 -9.94 -22.97 7.14
C THR A 60 -9.14 -24.23 6.71
N PRO A 61 -7.87 -24.36 7.17
CA PRO A 61 -7.00 -25.53 6.92
C PRO A 61 -7.66 -26.91 7.07
N GLY A 62 -8.31 -27.17 8.21
CA GLY A 62 -9.00 -28.44 8.43
C GLY A 62 -9.50 -28.71 9.84
N GLN A 63 -10.61 -28.11 10.28
CA GLN A 63 -11.36 -27.05 9.57
C GLN A 63 -10.85 -25.68 10.09
N SER A 64 -11.64 -24.95 10.89
CA SER A 64 -11.29 -23.62 11.46
C SER A 64 -12.52 -22.75 11.65
N THR A 65 -12.52 -22.03 12.76
CA THR A 65 -13.34 -20.84 12.98
C THR A 65 -12.40 -19.61 12.95
N TYR A 66 -12.15 -19.08 11.75
CA TYR A 66 -11.10 -18.06 11.49
C TYR A 66 -11.72 -16.89 10.71
N ASN A 67 -11.52 -15.66 11.19
CA ASN A 67 -12.01 -14.45 10.50
C ASN A 67 -11.67 -13.11 11.18
N ILE A 68 -12.18 -12.06 10.56
CA ILE A 68 -12.66 -10.76 11.13
C ILE A 68 -12.04 -9.71 10.22
N PRO A 69 -12.85 -9.12 9.30
CA PRO A 69 -12.50 -8.13 8.29
C PRO A 69 -12.14 -6.73 8.80
N ASP A 70 -10.88 -6.37 8.73
CA ASP A 70 -10.42 -5.21 9.44
C ASP A 70 -8.98 -4.87 9.00
N ILE A 71 -8.34 -3.91 9.66
CA ILE A 71 -6.93 -3.70 9.55
C ILE A 71 -6.30 -3.86 10.95
N THR A 72 -5.19 -4.57 11.02
CA THR A 72 -4.45 -4.80 12.24
C THR A 72 -3.07 -4.18 12.10
N CYS A 73 -2.37 -4.08 13.22
CA CYS A 73 -1.07 -3.42 13.29
C CYS A 73 -0.14 -4.13 14.24
N ILE A 74 1.11 -4.30 13.80
CA ILE A 74 2.20 -4.72 14.61
C ILE A 74 3.32 -3.68 14.57
N SER A 75 4.18 -3.67 15.56
CA SER A 75 5.34 -2.75 15.53
C SER A 75 6.59 -3.34 16.09
N THR A 76 7.70 -2.67 15.80
CA THR A 76 8.99 -3.08 16.29
C THR A 76 9.86 -1.87 16.49
N ASP A 77 10.90 -2.04 17.29
CA ASP A 77 11.99 -1.05 17.31
C ASP A 77 13.31 -1.66 16.91
N ASP A 78 13.29 -2.90 16.43
CA ASP A 78 14.56 -3.60 16.13
C ASP A 78 14.52 -4.58 14.97
N LEU A 79 13.37 -4.70 14.32
CA LEU A 79 13.10 -5.64 13.25
C LEU A 79 13.20 -7.11 13.62
N LYS A 80 13.32 -7.44 14.91
CA LYS A 80 13.23 -8.82 15.31
C LYS A 80 12.19 -9.15 16.38
N ASN A 81 11.91 -8.24 17.29
CA ASN A 81 10.90 -8.43 18.30
C ASN A 81 9.71 -7.58 17.89
N TRP A 82 8.53 -8.19 17.81
CA TRP A 82 7.33 -7.51 17.37
C TRP A 82 6.30 -7.47 18.48
N THR A 83 5.64 -6.33 18.60
CA THR A 83 4.47 -6.16 19.49
C THR A 83 3.21 -6.18 18.63
N ASP A 84 2.25 -7.00 19.01
CA ASP A 84 0.96 -7.01 18.31
C ASP A 84 0.05 -5.96 18.93
N HIS A 85 -0.45 -5.07 18.11
CA HIS A 85 -1.44 -4.08 18.55
C HIS A 85 -2.85 -4.51 18.19
N GLY A 86 -3.02 -5.60 17.45
CA GLY A 86 -4.35 -6.03 17.03
C GLY A 86 -5.06 -5.09 16.08
N GLU A 87 -6.40 -5.15 16.14
CA GLU A 87 -7.24 -4.41 15.26
C GLU A 87 -7.14 -2.92 15.52
N VAL A 88 -6.94 -2.14 14.47
CA VAL A 88 -6.94 -0.69 14.61
C VAL A 88 -8.10 0.00 13.87
N PHE A 89 -8.75 -0.73 12.96
CA PHE A 89 -9.85 -0.19 12.19
C PHE A 89 -10.71 -1.35 11.73
N ASN A 90 -12.02 -1.18 11.86
CA ASN A 90 -13.01 -2.13 11.39
C ASN A 90 -14.05 -1.29 10.65
N ALA A 91 -14.15 -1.46 9.33
CA ALA A 91 -15.03 -0.60 8.50
C ALA A 91 -16.48 -0.57 9.00
N LYS A 92 -16.99 -1.70 9.48
CA LYS A 92 -18.40 -1.78 9.90
C LYS A 92 -18.67 -0.95 11.15
N ARG A 93 -17.75 -0.99 12.09
CA ARG A 93 -17.88 -0.24 13.34
C ARG A 93 -17.38 1.21 13.21
N ASP A 94 -16.39 1.44 12.35
CA ASP A 94 -15.60 2.68 12.42
C ASP A 94 -15.81 3.61 11.21
N SER A 95 -16.70 3.21 10.29
CA SER A 95 -17.12 4.11 9.19
C SER A 95 -18.62 4.11 9.16
N ARG A 96 -19.16 5.10 8.48
CA ARG A 96 -20.60 5.25 8.35
C ARG A 96 -21.11 4.54 7.11
N TRP A 97 -20.22 4.21 6.19
CA TRP A 97 -20.66 3.80 4.85
C TRP A 97 -20.03 2.52 4.32
N ALA A 98 -18.89 2.09 4.87
CA ALA A 98 -18.11 1.00 4.31
C ALA A 98 -18.28 -0.27 5.12
N SER A 99 -18.04 -1.41 4.48
CA SER A 99 -18.13 -2.72 5.14
C SER A 99 -16.81 -3.52 5.10
N VAL A 100 -15.85 -3.09 4.28
CA VAL A 100 -14.60 -3.81 4.03
C VAL A 100 -13.45 -2.79 4.10
N SER A 101 -12.24 -3.26 4.39
CA SER A 101 -11.08 -2.37 4.42
C SER A 101 -9.84 -3.04 3.92
N TRP A 102 -9.66 -3.06 2.59
CA TRP A 102 -8.51 -3.64 1.98
C TRP A 102 -7.42 -2.58 1.83
N ALA A 103 -6.21 -3.06 1.57
CA ALA A 103 -5.15 -2.26 0.96
C ALA A 103 -4.92 -0.93 1.68
N PRO A 104 -4.50 -1.02 2.95
CA PRO A 104 -4.22 0.23 3.67
C PRO A 104 -3.09 1.05 3.09
N SER A 105 -3.17 2.35 3.35
CA SER A 105 -2.11 3.29 3.16
C SER A 105 -2.13 4.14 4.40
N ILE A 106 -0.97 4.39 4.97
CA ILE A 106 -0.89 5.13 6.24
C ILE A 106 0.09 6.33 6.13
N VAL A 107 -0.34 7.48 6.63
CA VAL A 107 0.46 8.71 6.65
C VAL A 107 0.30 9.34 8.01
N TYR A 108 1.38 9.91 8.49
CA TYR A 108 1.42 10.73 9.69
C TYR A 108 1.57 12.18 9.28
N ARG A 109 0.60 12.99 9.67
CA ARG A 109 0.56 14.42 9.34
C ARG A 109 -0.27 15.17 10.34
N ASN A 110 0.05 16.43 10.61
CA ASN A 110 -0.84 17.26 11.48
C ASN A 110 -1.00 16.61 12.89
N ASN A 111 0.02 15.89 13.37
CA ASN A 111 -0.04 15.19 14.64
C ASN A 111 -1.09 14.09 14.70
N LYS A 112 -1.49 13.60 13.52
CA LYS A 112 -2.56 12.61 13.35
C LYS A 112 -2.11 11.56 12.34
N PHE A 113 -2.81 10.44 12.38
CA PHE A 113 -2.57 9.31 11.47
C PHE A 113 -3.78 9.16 10.60
N TYR A 114 -3.52 9.05 9.31
CA TYR A 114 -4.54 8.88 8.30
C TYR A 114 -4.34 7.54 7.64
N LEU A 115 -5.40 6.72 7.69
CA LEU A 115 -5.38 5.36 7.20
C LEU A 115 -6.41 5.27 6.10
N TYR A 116 -5.92 5.15 4.87
CA TYR A 116 -6.78 5.06 3.70
C TYR A 116 -7.01 3.60 3.40
N TYR A 117 -8.15 3.29 2.79
CA TYR A 117 -8.54 1.89 2.66
C TYR A 117 -9.50 1.75 1.51
N GLY A 118 -9.60 0.54 1.01
CA GLY A 118 -10.55 0.19 -0.06
C GLY A 118 -11.72 -0.62 0.43
N ASN A 119 -12.92 -0.10 0.24
CA ASN A 119 -14.14 -0.81 0.57
C ASN A 119 -14.49 -1.88 -0.48
N GLY A 120 -13.59 -2.83 -0.71
CA GLY A 120 -13.95 -3.98 -1.51
C GLY A 120 -14.22 -3.75 -2.99
N GLY A 121 -13.68 -2.67 -3.51
CA GLY A 121 -13.94 -2.27 -4.86
C GLY A 121 -15.02 -1.19 -4.98
N ASN A 122 -15.70 -0.88 -3.87
CA ASN A 122 -16.78 0.11 -3.85
C ASN A 122 -16.34 1.35 -3.04
N GLY A 123 -15.37 2.11 -3.56
CA GLY A 123 -14.94 3.37 -2.96
C GLY A 123 -13.72 3.26 -2.06
N ILE A 124 -12.97 4.37 -1.97
CA ILE A 124 -11.79 4.52 -1.11
C ILE A 124 -12.12 5.45 0.01
N GLY A 125 -11.84 5.00 1.24
CA GLY A 125 -12.06 5.78 2.43
C GLY A 125 -10.79 6.29 3.09
N VAL A 126 -11.00 7.09 4.14
CA VAL A 126 -9.96 7.57 5.04
C VAL A 126 -10.43 7.50 6.49
N ALA A 127 -9.61 6.97 7.36
CA ALA A 127 -9.89 6.95 8.78
C ALA A 127 -8.77 7.63 9.52
N VAL A 128 -9.09 8.25 10.65
CA VAL A 128 -8.15 9.13 11.33
C VAL A 128 -8.01 8.72 12.80
N SER A 129 -6.80 8.80 13.33
CA SER A 129 -6.53 8.58 14.75
C SER A 129 -5.47 9.55 15.25
N ASP A 130 -5.46 9.78 16.56
CA ASP A 130 -4.35 10.49 17.22
CA ASP A 130 -4.32 10.51 17.18
C ASP A 130 -3.18 9.57 17.54
N SER A 131 -3.40 8.26 17.40
CA SER A 131 -2.41 7.24 17.72
C SER A 131 -2.10 6.39 16.54
N PRO A 132 -0.86 5.90 16.43
CA PRO A 132 -0.61 4.95 15.36
C PRO A 132 -1.38 3.64 15.52
N THR A 133 -1.85 3.36 16.74
CA THR A 133 -2.53 2.11 16.99
C THR A 133 -4.01 2.30 17.21
N GLY A 134 -4.54 3.41 16.80
CA GLY A 134 -5.97 3.63 16.75
C GLY A 134 -6.56 4.05 18.07
N PRO A 135 -7.89 4.04 18.19
CA PRO A 135 -8.83 3.59 17.16
C PRO A 135 -8.95 4.63 16.02
N PHE A 136 -9.01 4.14 14.80
CA PHE A 136 -9.23 4.99 13.63
C PHE A 136 -10.71 5.08 13.33
N LYS A 137 -11.16 6.28 12.97
CA LYS A 137 -12.56 6.52 12.65
C LYS A 137 -12.61 7.29 11.33
N ASP A 138 -13.41 6.80 10.39
CA ASP A 138 -13.65 7.52 9.15
C ASP A 138 -14.74 8.58 9.44
N PRO A 139 -14.39 9.86 9.27
CA PRO A 139 -15.36 10.92 9.58
C PRO A 139 -16.33 11.21 8.46
N LEU A 140 -16.19 10.64 7.26
CA LEU A 140 -16.94 11.09 6.08
C LEU A 140 -18.24 10.31 5.89
N PRO A 141 -19.24 10.93 5.23
CA PRO A 141 -20.48 10.20 5.01
C PRO A 141 -20.42 9.20 3.86
N GLY A 142 -19.34 9.27 3.08
CA GLY A 142 -19.17 8.40 1.95
C GLY A 142 -17.69 8.31 1.60
N PRO A 143 -17.37 7.62 0.52
CA PRO A 143 -15.97 7.46 0.12
C PRO A 143 -15.30 8.80 -0.19
N LEU A 144 -14.03 8.90 0.15
CA LEU A 144 -13.18 10.01 -0.23
C LEU A 144 -12.97 10.05 -1.73
N VAL A 145 -12.78 8.89 -2.33
CA VAL A 145 -12.63 8.75 -3.77
C VAL A 145 -13.52 7.61 -4.23
N SER A 146 -14.15 7.83 -5.37
CA SER A 146 -15.07 6.86 -5.92
C SER A 146 -15.14 7.00 -7.43
N TRP A 147 -16.08 6.25 -8.04
CA TRP A 147 -16.12 6.23 -9.49
CA TRP A 147 -16.29 6.19 -9.52
C TRP A 147 -16.48 7.56 -10.13
N ASN A 148 -17.24 8.37 -9.42
CA ASN A 148 -17.69 9.66 -9.94
C ASN A 148 -16.83 10.84 -9.44
N THR A 149 -15.72 10.57 -8.75
CA THR A 149 -14.77 11.62 -8.47
C THR A 149 -14.29 12.19 -9.81
N PRO A 150 -14.28 13.51 -9.94
CA PRO A 150 -13.86 14.08 -11.24
C PRO A 150 -12.46 13.67 -11.64
N GLY A 151 -12.33 13.30 -12.92
CA GLY A 151 -11.08 12.88 -13.50
C GLY A 151 -10.83 11.39 -13.47
N VAL A 152 -11.62 10.64 -12.68
CA VAL A 152 -11.43 9.20 -12.64
C VAL A 152 -11.87 8.64 -14.00
N GLN A 153 -13.09 8.92 -14.38
CA GLN A 153 -13.65 8.49 -15.66
C GLN A 153 -13.26 9.51 -16.71
N PRO A 154 -13.14 9.11 -17.96
CA PRO A 154 -13.41 7.75 -18.43
C PRO A 154 -12.24 6.83 -18.10
N ALA A 155 -12.55 5.55 -17.94
CA ALA A 155 -11.53 4.54 -17.74
C ALA A 155 -12.09 3.22 -18.31
N GLN A 156 -11.24 2.41 -18.89
CA GLN A 156 -11.72 1.11 -19.37
C GLN A 156 -11.38 0.07 -18.30
N ASN A 157 -12.40 -0.45 -17.62
CA ASN A 157 -12.25 -1.51 -16.63
C ASN A 157 -11.23 -1.23 -15.56
N MET A 158 -11.30 -0.02 -15.01
CA MET A 158 -10.41 0.33 -13.94
C MET A 158 -10.97 -0.20 -12.63
N TRP A 159 -10.10 -0.57 -11.71
CA TRP A 159 -10.40 -0.99 -10.32
CA TRP A 159 -10.64 -0.85 -10.39
C TRP A 159 -10.05 0.09 -9.34
N LEU A 160 -10.90 0.31 -8.32
CA LEU A 160 -10.70 1.37 -7.33
CA LEU A 160 -10.69 1.35 -7.33
C LEU A 160 -10.71 0.75 -5.93
N PHE A 161 -9.53 0.51 -5.37
CA PHE A 161 -9.47 -0.08 -4.01
C PHE A 161 -8.16 0.08 -3.28
N ASP A 162 -7.04 0.38 -3.97
CA ASP A 162 -5.73 0.29 -3.35
C ASP A 162 -4.98 1.64 -3.50
N PRO A 163 -5.26 2.56 -2.58
CA PRO A 163 -4.59 3.88 -2.61
C PRO A 163 -3.17 3.84 -2.10
N GLY A 164 -2.34 4.69 -2.67
CA GLY A 164 -1.01 4.96 -2.14
C GLY A 164 -0.98 6.48 -1.91
N VAL A 165 -0.87 6.88 -0.65
CA VAL A 165 -0.85 8.30 -0.34
C VAL A 165 0.55 8.76 0.07
N PHE A 166 0.92 9.94 -0.41
CA PHE A 166 2.24 10.50 -0.26
C PHE A 166 2.14 12.00 -0.03
N VAL A 167 2.90 12.52 0.91
CA VAL A 167 2.94 13.95 1.16
C VAL A 167 4.30 14.50 0.69
N ASP A 168 4.26 15.37 -0.32
CA ASP A 168 5.50 15.95 -0.87
C ASP A 168 6.06 17.00 0.08
N ASP A 169 7.32 17.34 -0.18
CA ASP A 169 8.03 18.37 0.63
C ASP A 169 7.43 19.77 0.65
N ASP A 170 6.71 20.11 -0.42
CA ASP A 170 5.99 21.34 -0.54
C ASP A 170 4.68 21.36 0.20
N GLY A 171 4.35 20.28 0.92
CA GLY A 171 3.08 20.20 1.60
C GLY A 171 1.90 19.72 0.76
N GLN A 172 2.12 19.36 -0.49
CA GLN A 172 1.03 18.80 -1.30
C GLN A 172 0.95 17.32 -1.10
N ALA A 173 -0.20 16.85 -0.64
CA ALA A 173 -0.47 15.40 -0.54
C ALA A 173 -1.12 14.94 -1.82
N TYR A 174 -0.85 13.70 -2.19
CA TYR A 174 -1.40 13.08 -3.39
C TYR A 174 -1.86 11.69 -3.03
N MET A 175 -2.95 11.24 -3.68
CA MET A 175 -3.35 9.83 -3.59
C MET A 175 -3.25 9.25 -5.00
N TYR A 176 -2.44 8.21 -5.13
CA TYR A 176 -2.32 7.43 -6.35
C TYR A 176 -3.21 6.21 -6.20
N PHE A 177 -3.83 5.77 -7.28
CA PHE A 177 -4.77 4.67 -7.23
C PHE A 177 -5.05 4.16 -8.64
N GLY A 178 -5.89 3.14 -8.77
CA GLY A 178 -6.22 2.59 -10.08
C GLY A 178 -5.81 1.15 -10.21
N GLY A 179 -6.16 0.53 -11.34
CA GLY A 179 -5.83 -0.86 -11.55
C GLY A 179 -6.20 -1.29 -12.95
N ASN A 180 -5.55 -2.35 -13.41
CA ASN A 180 -5.93 -3.11 -14.59
C ASN A 180 -5.72 -2.37 -15.89
N GLY A 181 -4.52 -1.87 -16.07
CA GLY A 181 -4.11 -1.38 -17.38
C GLY A 181 -3.06 -0.29 -17.34
N GLN A 182 -2.21 -0.28 -18.34
CA GLN A 182 -1.08 0.65 -18.43
C GLN A 182 -1.53 2.11 -18.19
N ASN A 183 -2.70 2.48 -18.71
CA ASN A 183 -3.22 3.86 -18.55
C ASN A 183 -4.26 4.04 -17.46
N ASN A 184 -4.39 3.03 -16.59
CA ASN A 184 -5.45 3.05 -15.57
C ASN A 184 -4.94 3.50 -14.21
N ILE A 185 -3.95 4.37 -14.22
CA ILE A 185 -3.43 4.97 -12.98
C ILE A 185 -4.07 6.32 -12.87
N ARG A 186 -4.51 6.67 -11.64
CA ARG A 186 -4.96 8.00 -11.34
C ARG A 186 -4.19 8.57 -10.16
N VAL A 187 -4.11 9.90 -10.09
CA VAL A 187 -3.51 10.57 -8.93
C VAL A 187 -4.33 11.83 -8.72
N ILE A 188 -4.75 12.05 -7.48
CA ILE A 188 -5.51 13.25 -7.14
C ILE A 188 -4.87 13.96 -5.93
N LYS A 189 -4.94 15.29 -5.93
CA LYS A 189 -4.48 16.04 -4.78
C LYS A 189 -5.43 15.86 -3.62
N LEU A 190 -4.88 15.78 -2.43
CA LEU A 190 -5.65 15.84 -1.18
C LEU A 190 -5.46 17.20 -0.51
N GLY A 191 -6.49 17.67 0.17
CA GLY A 191 -6.36 18.84 0.98
C GLY A 191 -5.40 18.63 2.13
N ASN A 192 -4.92 19.72 2.71
CA ASN A 192 -4.02 19.60 3.85
C ASN A 192 -4.65 18.88 5.06
N ASP A 193 -5.99 18.90 5.20
CA ASP A 193 -6.66 18.16 6.25
C ASP A 193 -6.67 16.64 6.03
N MET A 194 -6.25 16.20 4.83
CA MET A 194 -6.04 14.81 4.48
C MET A 194 -7.32 13.97 4.36
N ILE A 195 -8.45 14.65 4.47
CA ILE A 195 -9.76 14.00 4.42
C ILE A 195 -10.64 14.63 3.36
N SER A 196 -10.00 15.27 2.36
CA SER A 196 -10.72 15.87 1.26
C SER A 196 -9.85 15.82 0.02
N THR A 197 -10.47 15.92 -1.13
CA THR A 197 -9.74 15.99 -2.39
C THR A 197 -9.79 17.43 -2.89
N VAL A 198 -8.83 17.79 -3.72
CA VAL A 198 -8.75 19.11 -4.37
C VAL A 198 -8.58 18.95 -5.87
N GLY A 199 -9.50 19.50 -6.64
CA GLY A 199 -9.43 19.41 -8.10
C GLY A 199 -9.79 18.04 -8.61
N SER A 200 -9.44 17.77 -9.85
CA SER A 200 -9.74 16.53 -10.53
C SER A 200 -8.57 15.56 -10.43
N ALA A 201 -8.90 14.28 -10.50
CA ALA A 201 -7.89 13.25 -10.65
C ALA A 201 -7.21 13.46 -12.00
N MET A 202 -5.93 13.17 -12.00
CA MET A 202 -5.06 13.16 -13.17
CA MET A 202 -5.13 13.16 -13.21
C MET A 202 -4.72 11.73 -13.58
N THR A 203 -4.33 11.53 -14.83
CA THR A 203 -3.97 10.20 -15.32
C THR A 203 -2.47 10.03 -15.36
N MET A 204 -2.01 8.79 -15.17
CA MET A 204 -0.61 8.41 -15.35
C MET A 204 -0.63 7.10 -16.12
N SER A 205 0.54 6.72 -16.63
CA SER A 205 0.76 5.48 -17.34
C SER A 205 2.02 4.79 -16.85
N ALA A 206 2.00 3.48 -16.81
CA ALA A 206 3.16 2.69 -16.45
C ALA A 206 3.09 1.36 -17.17
N PRO A 207 4.21 0.87 -17.72
CA PRO A 207 4.15 -0.37 -18.47
C PRO A 207 3.55 -1.55 -17.66
N ARG A 208 2.55 -2.20 -18.26
CA ARG A 208 1.95 -3.35 -17.66
C ARG A 208 1.34 -3.13 -16.29
N PHE A 209 0.89 -1.92 -15.99
CA PHE A 209 0.30 -1.62 -14.67
C PHE A 209 -0.90 -2.52 -14.34
N PHE A 210 -0.86 -3.14 -13.17
CA PHE A 210 -1.92 -4.05 -12.69
C PHE A 210 -2.60 -3.49 -11.43
N GLU A 211 -1.85 -3.26 -10.39
CA GLU A 211 -2.38 -2.85 -9.09
C GLU A 211 -1.29 -2.14 -8.30
N ALA A 212 -1.69 -1.67 -7.12
CA ALA A 212 -0.73 -1.36 -6.05
C ALA A 212 0.16 -0.17 -6.37
N ALA A 213 -0.43 0.89 -6.91
CA ALA A 213 0.26 2.18 -7.12
C ALA A 213 0.85 2.68 -5.80
N TYR A 214 2.12 3.10 -5.83
CA TYR A 214 2.78 3.50 -4.59
C TYR A 214 3.81 4.56 -4.92
N MET A 215 3.98 5.55 -4.05
CA MET A 215 4.90 6.64 -4.28
C MET A 215 5.77 6.85 -3.06
N HIS A 216 7.07 6.92 -3.30
CA HIS A 216 7.99 7.44 -2.30
C HIS A 216 9.04 8.31 -2.95
N LYS A 217 9.65 9.14 -2.12
CA LYS A 217 10.63 10.09 -2.56
C LYS A 217 11.96 9.80 -1.88
N TYR A 218 13.05 9.87 -2.65
CA TYR A 218 14.38 9.69 -2.13
C TYR A 218 15.37 10.55 -2.95
N ASN A 219 16.18 11.32 -2.25
CA ASN A 219 17.23 12.10 -2.88
C ASN A 219 16.77 12.94 -4.05
N GLY A 220 15.63 13.57 -3.87
CA GLY A 220 15.05 14.52 -4.80
C GLY A 220 14.27 13.90 -5.92
N LYS A 221 14.13 12.57 -5.97
CA LYS A 221 13.47 11.90 -7.08
CA LYS A 221 13.44 11.93 -7.09
C LYS A 221 12.25 11.15 -6.58
N TYR A 222 11.27 10.97 -7.44
CA TYR A 222 10.01 10.32 -7.14
C TYR A 222 10.00 8.92 -7.76
N TYR A 223 9.58 7.95 -6.97
CA TYR A 223 9.61 6.52 -7.31
C TYR A 223 8.16 6.06 -7.31
N PHE A 224 7.64 5.78 -8.51
CA PHE A 224 6.34 5.16 -8.67
C PHE A 224 6.56 3.66 -8.80
N SER A 225 6.17 2.95 -7.75
CA SER A 225 6.29 1.51 -7.77
C SER A 225 4.89 0.90 -7.83
N TYR A 226 4.83 -0.33 -8.33
CA TYR A 226 3.51 -0.94 -8.63
C TYR A 226 3.62 -2.41 -8.88
N ALA A 227 2.49 -3.10 -8.85
CA ALA A 227 2.43 -4.49 -9.27
C ALA A 227 2.15 -4.51 -10.79
N SER A 228 2.98 -5.22 -11.53
CA SER A 228 2.78 -5.40 -12.95
C SER A 228 1.77 -6.54 -13.22
N ASP A 229 1.27 -6.63 -14.45
CA ASP A 229 0.29 -7.61 -14.85
C ASP A 229 0.92 -8.95 -15.15
N PHE A 230 0.13 -9.85 -15.69
CA PHE A 230 0.56 -11.19 -16.02
C PHE A 230 0.91 -11.43 -17.48
N SER A 231 1.11 -10.33 -18.22
CA SER A 231 1.33 -10.42 -19.66
C SER A 231 2.73 -10.92 -20.01
N GLN A 232 3.71 -10.76 -19.14
CA GLN A 232 5.04 -11.33 -19.50
C GLN A 232 5.61 -11.90 -18.28
N GLY A 233 5.16 -13.12 -18.00
CA GLY A 233 5.43 -13.80 -16.78
C GLY A 233 4.56 -13.34 -15.63
N ALA A 234 4.99 -13.72 -14.44
CA ALA A 234 4.28 -13.46 -13.24
C ALA A 234 4.21 -11.95 -12.98
N SER A 235 3.27 -11.55 -12.14
CA SER A 235 3.22 -10.15 -11.67
C SER A 235 4.45 -9.92 -10.79
N LYS A 236 5.08 -8.76 -10.95
CA LYS A 236 6.22 -8.36 -10.15
C LYS A 236 6.05 -7.02 -9.59
N ILE A 237 6.90 -6.65 -8.63
CA ILE A 237 6.88 -5.25 -8.18
C ILE A 237 7.93 -4.49 -9.05
N GLU A 238 7.49 -3.49 -9.79
CA GLU A 238 8.30 -2.77 -10.76
C GLU A 238 8.20 -1.29 -10.45
N TYR A 239 9.00 -0.47 -11.14
CA TYR A 239 9.02 0.95 -10.83
C TYR A 239 9.48 1.84 -11.98
N MET A 240 9.11 3.10 -11.81
CA MET A 240 9.49 4.22 -12.63
C MET A 240 10.04 5.31 -11.73
N MET A 241 10.82 6.19 -12.35
CA MET A 241 11.37 7.36 -11.67
C MET A 241 11.02 8.66 -12.43
N SER A 242 10.91 9.75 -11.65
CA SER A 242 10.71 11.08 -12.21
C SER A 242 11.31 12.13 -11.28
N ASP A 243 11.56 13.31 -11.83
CA ASP A 243 11.86 14.50 -11.00
CA ASP A 243 11.88 14.50 -11.02
C ASP A 243 10.61 15.26 -10.59
N LYS A 244 9.42 14.78 -10.99
CA LYS A 244 8.12 15.38 -10.61
CA LYS A 244 8.13 15.39 -10.60
C LYS A 244 7.16 14.29 -10.11
N PRO A 245 6.12 14.67 -9.36
CA PRO A 245 5.32 13.60 -8.73
C PRO A 245 4.27 12.97 -9.60
N THR A 246 3.82 13.66 -10.64
CA THR A 246 2.72 13.14 -11.48
C THR A 246 2.96 13.12 -12.97
N THR A 247 4.11 13.55 -13.43
CA THR A 247 4.49 13.54 -14.84
C THR A 247 5.97 13.23 -14.95
N GLY A 248 6.44 12.93 -16.16
CA GLY A 248 7.86 12.80 -16.46
C GLY A 248 8.46 11.44 -16.07
N PHE A 249 7.63 10.44 -15.84
CA PHE A 249 8.15 9.14 -15.37
C PHE A 249 8.77 8.34 -16.49
N GLN A 250 9.85 7.64 -16.16
CA GLN A 250 10.52 6.72 -17.04
C GLN A 250 10.67 5.39 -16.32
N TYR A 251 10.26 4.32 -16.98
CA TYR A 251 10.33 2.98 -16.43
C TYR A 251 11.78 2.61 -16.21
N LYS A 252 12.06 2.02 -15.05
CA LYS A 252 13.43 1.65 -14.68
C LYS A 252 13.65 0.18 -14.51
N GLY A 253 12.66 -0.58 -14.08
CA GLY A 253 12.83 -2.02 -13.94
C GLY A 253 12.07 -2.68 -12.83
N VAL A 254 12.55 -3.86 -12.45
CA VAL A 254 11.93 -4.70 -11.44
C VAL A 254 12.58 -4.44 -10.11
N ILE A 255 11.78 -4.25 -9.07
CA ILE A 255 12.31 -4.15 -7.69
C ILE A 255 12.48 -5.58 -7.17
N LEU A 256 11.41 -6.37 -7.28
CA LEU A 256 11.25 -7.69 -6.65
C LEU A 256 10.59 -8.62 -7.65
N PRO A 257 11.39 -9.54 -8.18
CA PRO A 257 10.84 -10.60 -9.04
C PRO A 257 10.03 -11.60 -8.22
N GLN A 258 10.58 -12.02 -7.07
CA GLN A 258 10.06 -13.11 -6.25
C GLN A 258 9.88 -14.39 -7.09
N PRO A 259 10.96 -15.18 -7.25
CA PRO A 259 10.72 -16.53 -7.75
C PRO A 259 9.93 -17.36 -6.70
N PRO A 260 8.76 -17.93 -7.02
CA PRO A 260 7.92 -17.61 -8.20
C PRO A 260 6.72 -16.66 -7.95
N ASP A 261 6.78 -15.80 -6.93
CA ASP A 261 5.81 -14.68 -6.71
C ASP A 261 4.37 -15.03 -6.32
N ASN A 262 3.70 -15.82 -7.17
CA ASN A 262 2.24 -15.82 -7.25
C ASN A 262 1.59 -16.43 -6.01
N TYR A 263 0.30 -16.16 -5.87
CA TYR A 263 -0.53 -16.56 -4.73
C TYR A 263 -0.35 -15.47 -3.65
N SER A 264 -1.24 -14.47 -3.66
CA SER A 264 -2.50 -14.48 -4.47
C SER A 264 -2.97 -13.16 -5.09
N ASN A 265 -2.50 -12.93 -6.32
CA ASN A 265 -2.65 -11.64 -7.05
C ASN A 265 -2.41 -10.48 -6.09
N ASN A 266 -1.30 -10.61 -5.34
CA ASN A 266 -0.95 -9.67 -4.27
C ASN A 266 0.54 -9.26 -4.16
N ASN A 267 0.82 -8.17 -4.87
CA ASN A 267 2.09 -7.45 -4.77
C ASN A 267 1.91 -6.10 -4.12
N HIS A 268 0.94 -5.98 -3.20
CA HIS A 268 0.83 -4.80 -2.38
C HIS A 268 2.04 -4.71 -1.49
N HIS A 269 2.52 -3.49 -1.34
CA HIS A 269 3.88 -3.30 -0.73
C HIS A 269 4.00 -1.90 -0.17
N ALA A 270 5.00 -1.72 0.67
CA ALA A 270 5.40 -0.41 1.15
C ALA A 270 6.89 -0.30 1.00
N ILE A 271 7.36 0.96 0.87
CA ILE A 271 8.78 1.27 0.81
C ILE A 271 9.00 2.40 1.79
N VAL A 272 9.82 2.15 2.80
CA VAL A 272 9.92 3.06 3.94
CA VAL A 272 9.92 3.07 3.95
C VAL A 272 11.35 3.18 4.43
N GLU A 273 11.72 4.36 4.92
CA GLU A 273 12.99 4.57 5.51
C GLU A 273 12.88 4.43 7.04
N TYR A 274 13.77 3.66 7.62
CA TYR A 274 13.76 3.41 9.08
C TYR A 274 15.18 3.34 9.58
N LYS A 275 15.50 4.22 10.52
CA LYS A 275 16.77 4.30 11.13
C LYS A 275 17.91 4.38 10.09
N GLY A 276 17.69 5.20 9.07
CA GLY A 276 18.68 5.49 8.07
C GLY A 276 18.78 4.47 6.92
N ASN A 277 18.00 3.38 6.97
CA ASN A 277 18.01 2.35 5.93
C ASN A 277 16.68 2.32 5.26
N TRP A 278 16.65 1.86 4.01
CA TRP A 278 15.40 1.73 3.27
C TRP A 278 14.99 0.25 3.22
N TYR A 279 13.69 0.03 3.38
CA TYR A 279 13.13 -1.31 3.38
C TYR A 279 11.92 -1.42 2.46
N VAL A 280 11.80 -2.55 1.79
N VAL A 280 11.81 -2.58 1.81
CA VAL A 280 10.57 -2.89 1.10
CA VAL A 280 10.61 -2.99 1.08
C VAL A 280 9.86 -3.98 1.92
C VAL A 280 9.86 -4.01 1.94
N VAL A 281 8.57 -3.73 2.16
CA VAL A 281 7.78 -4.68 2.91
CA VAL A 281 7.69 -4.62 2.94
C VAL A 281 6.65 -5.19 1.99
N TYR A 282 6.48 -6.50 1.98
CA TYR A 282 5.56 -7.12 1.05
C TYR A 282 5.04 -8.40 1.64
N HIS A 283 3.95 -8.92 1.07
CA HIS A 283 3.31 -10.12 1.63
CA HIS A 283 3.32 -10.10 1.60
C HIS A 283 3.65 -11.23 0.65
N ASN A 284 4.16 -12.35 1.17
CA ASN A 284 4.48 -13.48 0.31
C ASN A 284 4.63 -14.73 1.17
N ARG A 285 3.58 -15.57 1.19
CA ARG A 285 3.57 -16.83 1.96
C ARG A 285 4.76 -17.73 1.64
N THR A 286 5.04 -17.90 0.35
CA THR A 286 6.11 -18.78 -0.11
C THR A 286 7.46 -18.30 0.40
N VAL A 287 7.77 -17.03 0.15
CA VAL A 287 9.03 -16.46 0.61
C VAL A 287 9.13 -16.50 2.12
N ALA A 288 8.04 -16.14 2.84
CA ALA A 288 8.08 -16.16 4.31
C ALA A 288 8.35 -17.57 4.83
N LYS A 289 7.73 -18.57 4.20
CA LYS A 289 8.01 -19.98 4.55
C LYS A 289 9.49 -20.37 4.47
N GLN A 290 10.21 -19.85 3.49
CA GLN A 290 11.65 -20.13 3.32
C GLN A 290 12.53 -19.16 4.12
N ARG A 291 12.19 -18.93 5.39
CA ARG A 291 12.74 -17.79 6.17
C ARG A 291 12.38 -17.89 7.66
N GLY A 292 11.15 -18.28 7.98
CA GLY A 292 10.78 -18.61 9.35
C GLY A 292 9.38 -18.22 9.80
N LEU A 293 9.31 -17.20 10.64
CA LEU A 293 8.20 -17.03 11.61
C LEU A 293 6.85 -16.62 11.03
N ASP A 294 5.93 -16.26 11.93
CA ASP A 294 4.78 -15.44 11.61
C ASP A 294 4.72 -14.27 12.62
N PRO A 295 5.16 -13.04 12.22
CA PRO A 295 5.42 -11.87 13.10
C PRO A 295 4.56 -11.65 14.37
N VAL A 296 4.60 -12.63 15.28
CA VAL A 296 3.76 -12.74 16.51
C VAL A 296 2.75 -11.59 16.79
N TYR A 297 1.68 -11.44 15.98
CA TYR A 297 1.40 -12.24 14.76
C TYR A 297 0.97 -11.35 13.58
N GLN A 298 1.67 -11.46 12.45
CA GLN A 298 1.22 -10.88 11.18
C GLN A 298 1.95 -11.53 9.98
N ARG A 299 1.39 -12.64 9.50
CA ARG A 299 1.70 -13.18 8.16
C ARG A 299 3.12 -13.86 8.19
N ASN A 300 3.95 -14.06 7.14
CA ASN A 300 3.80 -13.83 5.69
C ASN A 300 4.23 -12.46 5.14
N VAL A 301 4.54 -11.52 6.04
CA VAL A 301 5.03 -10.19 5.65
C VAL A 301 6.53 -10.20 5.70
N CYS A 302 7.14 -9.98 4.55
CA CYS A 302 8.60 -10.08 4.40
C CYS A 302 9.15 -8.67 4.40
N ILE A 303 10.37 -8.53 4.92
CA ILE A 303 11.05 -7.25 4.93
C ILE A 303 12.45 -7.43 4.36
N ASP A 304 12.74 -6.74 3.27
CA ASP A 304 14.07 -6.74 2.64
C ASP A 304 14.62 -5.32 2.68
N GLN A 305 15.93 -5.21 2.79
CA GLN A 305 16.57 -3.91 2.78
C GLN A 305 16.84 -3.53 1.31
N MET A 306 16.60 -2.27 0.98
CA MET A 306 16.74 -1.76 -0.36
C MET A 306 17.92 -0.81 -0.46
N PHE A 307 18.67 -0.89 -1.57
CA PHE A 307 19.85 -0.10 -1.79
C PHE A 307 19.69 0.63 -3.12
N TYR A 308 20.25 1.85 -3.19
CA TYR A 308 20.26 2.61 -4.41
C TYR A 308 21.63 2.75 -5.03
N ASN A 309 21.64 2.78 -6.36
CA ASN A 309 22.82 3.21 -7.10
C ASN A 309 23.03 4.72 -6.98
N ALA A 310 24.23 5.17 -7.34
CA ALA A 310 24.54 6.63 -7.32
C ALA A 310 23.56 7.46 -8.18
N ASP A 311 23.09 6.93 -9.30
CA ASP A 311 22.13 7.61 -10.14
C ASP A 311 20.68 7.55 -9.62
N GLY A 312 20.44 6.92 -8.46
CA GLY A 312 19.09 6.84 -7.88
C GLY A 312 18.32 5.59 -8.28
N THR A 313 18.75 4.90 -9.31
CA THR A 313 18.10 3.63 -9.61
C THR A 313 18.29 2.66 -8.43
N ILE A 314 17.40 1.68 -8.32
CA ILE A 314 17.44 0.72 -7.25
C ILE A 314 18.51 -0.32 -7.62
N LYS A 315 19.46 -0.46 -6.72
CA LYS A 315 20.60 -1.36 -6.90
C LYS A 315 20.16 -2.81 -6.66
N GLN A 316 19.53 -3.03 -5.52
CA GLN A 316 19.21 -4.38 -5.07
C GLN A 316 18.28 -4.32 -3.90
N VAL A 317 17.61 -5.45 -3.65
CA VAL A 317 16.87 -5.72 -2.42
C VAL A 317 17.46 -6.99 -1.82
N VAL A 318 17.79 -6.93 -0.53
CA VAL A 318 18.49 -8.01 0.14
C VAL A 318 17.61 -8.53 1.29
N PRO A 319 17.41 -9.86 1.37
CA PRO A 319 16.64 -10.39 2.52
C PRO A 319 17.22 -10.02 3.88
N THR A 320 16.43 -9.51 4.80
CA THR A 320 16.88 -9.40 6.16
C THR A 320 16.97 -10.78 6.85
N VAL A 321 18.04 -11.01 7.58
CA VAL A 321 18.24 -12.27 8.30
C VAL A 321 18.34 -12.10 9.81
N ASP A 322 18.30 -10.87 10.30
CA ASP A 322 18.52 -10.60 11.72
C ASP A 322 17.90 -9.23 11.94
N GLY A 323 17.88 -8.81 13.20
CA GLY A 323 17.39 -7.52 13.58
C GLY A 323 18.53 -6.54 13.74
N LEU A 324 18.19 -5.32 14.14
CA LEU A 324 19.16 -4.29 14.41
C LEU A 324 19.97 -4.67 15.65
N LYS A 325 21.26 -4.32 15.62
CA LYS A 325 22.21 -4.64 16.70
C LYS A 325 21.86 -3.87 17.97
N GLN A 326 21.55 -2.58 17.82
CA GLN A 326 21.04 -1.74 18.92
C GLN A 326 19.72 -1.09 18.53
S SO4 B . 4.58 12.45 -19.28
O1 SO4 B . 5.69 13.40 -19.54
O2 SO4 B . 3.57 12.59 -20.35
O3 SO4 B . 3.97 12.76 -18.00
O4 SO4 B . 5.09 11.07 -19.32
S SO4 C . -9.73 -5.14 -20.02
O1 SO4 C . -8.27 -5.16 -20.23
O2 SO4 C . -10.30 -3.76 -20.20
O3 SO4 C . -10.03 -5.59 -18.64
O4 SO4 C . -10.34 -6.02 -21.05
S SO4 D . -21.87 14.98 7.34
O1 SO4 D . -20.62 14.33 7.78
O2 SO4 D . -21.65 15.63 6.03
O3 SO4 D . -22.22 15.99 8.37
O4 SO4 D . -22.97 14.01 7.18
S SO4 E . 2.82 20.04 6.67
O1 SO4 E . 3.73 20.63 7.68
O2 SO4 E . 1.84 21.07 6.24
O3 SO4 E . 2.09 18.91 7.28
O4 SO4 E . 3.59 19.53 5.53
S SO4 F . -25.06 8.57 9.38
O1 SO4 F . -24.86 9.61 10.41
O2 SO4 F . -24.85 9.17 8.05
O3 SO4 F . -26.43 8.03 9.47
O4 SO4 F . -24.09 7.47 9.62
C ACT G . 8.96 19.83 -3.87
O ACT G . 7.88 19.44 -3.35
OXT ACT G . 10.07 19.34 -3.55
CH3 ACT G . 8.90 20.92 -4.90
C1 GOL H . 18.44 7.57 -13.14
O1 GOL H . 18.51 6.64 -14.23
C2 GOL H . 17.77 8.86 -13.62
O2 GOL H . 18.38 9.93 -12.89
C3 GOL H . 16.25 8.87 -13.44
O3 GOL H . 15.75 10.08 -12.84
C1 GOL I . 6.84 6.55 -19.57
O1 GOL I . 5.70 7.32 -19.95
C2 GOL I . 6.59 5.08 -19.85
O2 GOL I . 5.40 4.73 -19.15
C3 GOL I . 7.75 4.21 -19.36
O3 GOL I . 9.08 4.73 -19.65
C1 GOL J . 14.12 7.44 9.11
O1 GOL J . 15.52 7.15 8.95
C2 GOL J . 13.79 7.70 10.57
O2 GOL J . 12.54 8.41 10.62
C3 GOL J . 13.69 6.44 11.41
O3 GOL J . 12.90 6.77 12.54
C1 GOL K . 1.53 4.64 1.76
O1 GOL K . 0.75 4.22 0.63
C2 GOL K . 1.70 3.48 2.72
O2 GOL K . 0.97 3.61 3.89
C3 GOL K . 3.07 3.51 3.31
O3 GOL K . 3.30 2.17 3.59
C ACT L . 7.98 25.38 1.85
O ACT L . 7.43 26.05 0.95
OXT ACT L . 8.04 24.13 1.79
CH3 ACT L . 8.57 26.07 3.04
#